data_6RTN
#
_entry.id   6RTN
#
_cell.length_a   48.879
_cell.length_b   95.620
_cell.length_c   126.269
_cell.angle_alpha   90.000
_cell.angle_beta   90.000
_cell.angle_gamma   90.000
#
_symmetry.space_group_name_H-M   'P 21 21 21'
#
loop_
_entity.id
_entity.type
_entity.pdbx_description
1 polymer 'Beta-lactamase OXA-10'
2 non-polymer 'CHLORIDE ION'
3 non-polymer '(3~{R})-3-[2-[4-(2-azanylethylamino)cyclohexyl]ethanoylamino]-2-oxidanyl-3,4-dihydro-1,2-benzoxaborinine-8-carboxylic acid'
4 water water
#
_entity_poly.entity_id   1
_entity_poly.type   'polypeptide(L)'
_entity_poly.pdbx_seq_one_letter_code
;MGSITENTSWNKEFSAEAVNGVFVLCKSSSKSCATNDLARASKEYLPASTF(KCX)IPNAIIGLETGVIKNEHQVFKWDG
KPRAMKQWERDLTLRGAIQVSAVPVFQQIAREVGEVRMQKYLKKFSYGNQNISGGIDKFWLEGQLRISAVNQVEFLESLY
LNKLSASKENQLIVKEALVTEAAPEYLVHSKTGFSGVGTESNPGVAWWVGWVEKETEVYFFAFNMDIDNESKLPLRKSIP
TKIMESEGIIG
;
_entity_poly.pdbx_strand_id   A,B
#
loop_
_chem_comp.id
_chem_comp.type
_chem_comp.name
_chem_comp.formula
CL non-polymer 'CHLORIDE ION' 'Cl -1'
KJK non-polymer '(3~{R})-3-[2-[4-(2-azanylethylamino)cyclohexyl]ethanoylamino]-2-oxidanyl-3,4-dihydro-1,2-benzoxaborinine-8-carboxylic acid' 'C19 H28 B N3 O5'
#
# COMPACT_ATOMS: atom_id res chain seq x y z
CA GLY A 2 -19.77 20.10 8.80
C GLY A 2 -20.73 20.74 7.80
N SER A 3 -20.18 21.22 6.69
CA SER A 3 -20.97 21.84 5.64
C SER A 3 -20.54 21.30 4.28
N ILE A 4 -21.49 21.28 3.35
CA ILE A 4 -21.26 20.85 1.98
C ILE A 4 -21.40 22.06 1.07
N THR A 5 -20.40 22.32 0.26
CA THR A 5 -20.37 23.48 -0.61
C THR A 5 -20.42 23.05 -2.08
N GLU A 6 -21.24 23.72 -2.86
CA GLU A 6 -21.34 23.43 -4.28
C GLU A 6 -20.19 24.09 -5.04
N ASN A 7 -19.64 23.35 -6.00
CA ASN A 7 -18.58 23.85 -6.88
C ASN A 7 -19.07 23.67 -8.31
N THR A 8 -19.57 24.76 -8.91
CA THR A 8 -20.16 24.69 -10.24
C THR A 8 -19.14 24.40 -11.34
N SER A 9 -17.86 24.64 -11.08
CA SER A 9 -16.86 24.51 -12.15
C SER A 9 -16.63 23.06 -12.56
N TRP A 10 -16.99 22.09 -11.72
CA TRP A 10 -16.77 20.69 -12.04
C TRP A 10 -17.85 20.12 -12.95
N ASN A 11 -18.98 20.79 -13.10
CA ASN A 11 -20.07 20.25 -13.92
C ASN A 11 -19.64 20.07 -15.38
N LYS A 12 -18.66 20.86 -15.84
CA LYS A 12 -18.19 20.72 -17.21
C LYS A 12 -17.77 19.29 -17.51
N GLU A 13 -17.15 18.62 -16.54
CA GLU A 13 -16.70 17.25 -16.76
C GLU A 13 -17.87 16.29 -16.91
N PHE A 14 -18.97 16.54 -16.20
CA PHE A 14 -20.15 15.69 -16.31
C PHE A 14 -20.89 15.93 -17.62
N SER A 15 -21.05 17.20 -18.01
CA SER A 15 -21.86 17.52 -19.17
C SER A 15 -21.20 17.10 -20.47
N ALA A 16 -19.86 17.12 -20.52
CA ALA A 16 -19.16 16.71 -21.73
C ALA A 16 -19.44 15.25 -22.06
N GLU A 17 -19.74 14.44 -21.04
CA GLU A 17 -20.03 13.03 -21.23
C GLU A 17 -21.52 12.71 -21.06
N ALA A 18 -22.35 13.72 -20.80
CA ALA A 18 -23.78 13.51 -20.59
C ALA A 18 -24.03 12.52 -19.46
N VAL A 19 -23.34 12.74 -18.34
CA VAL A 19 -23.37 11.84 -17.19
C VAL A 19 -24.17 12.51 -16.07
N ASN A 20 -25.08 11.74 -15.48
CA ASN A 20 -25.81 12.17 -14.28
C ASN A 20 -25.13 11.53 -13.07
N GLY A 21 -24.34 12.31 -12.36
CA GLY A 21 -23.61 11.80 -11.23
C GLY A 21 -23.19 12.90 -10.30
N VAL A 22 -22.39 12.54 -9.30
CA VAL A 22 -21.92 13.48 -8.30
C VAL A 22 -20.49 13.13 -7.93
N PHE A 23 -19.69 14.15 -7.66
CA PHE A 23 -18.35 13.99 -7.12
C PHE A 23 -18.26 14.79 -5.83
N VAL A 24 -17.77 14.14 -4.77
CA VAL A 24 -17.54 14.78 -3.48
C VAL A 24 -16.05 14.70 -3.18
N LEU A 25 -15.47 15.84 -2.80
CA LEU A 25 -14.05 15.94 -2.53
C LEU A 25 -13.84 16.79 -1.29
N CYS A 26 -13.10 16.25 -0.32
CA CYS A 26 -12.89 16.92 0.97
C CYS A 26 -11.40 16.89 1.29
N LYS A 27 -10.84 18.07 1.54
CA LYS A 27 -9.44 18.19 1.93
C LYS A 27 -9.32 18.19 3.45
N SER A 28 -8.33 17.43 3.94
CA SER A 28 -8.01 17.37 5.37
C SER A 28 -9.02 16.55 6.15
N SER A 29 -10.30 16.83 5.98
CA SER A 29 -11.33 16.17 6.79
C SER A 29 -12.67 16.27 6.07
N SER A 30 -13.68 15.67 6.68
N SER A 30 -13.68 15.66 6.68
CA SER A 30 -15.04 15.72 6.14
CA SER A 30 -15.05 15.71 6.15
C SER A 30 -15.82 16.94 6.62
C SER A 30 -15.81 16.95 6.61
N LYS A 31 -15.21 17.80 7.45
CA LYS A 31 -15.91 18.97 7.96
C LYS A 31 -16.34 19.89 6.82
N SER A 32 -15.50 20.05 5.80
CA SER A 32 -15.81 20.88 4.65
C SER A 32 -15.60 20.05 3.39
N CYS A 33 -16.69 19.72 2.72
CA CYS A 33 -16.64 18.97 1.46
C CYS A 33 -17.22 19.82 0.34
N ALA A 34 -16.65 19.67 -0.84
CA ALA A 34 -17.11 20.34 -2.05
C ALA A 34 -17.72 19.32 -3.00
N THR A 35 -18.67 19.78 -3.81
CA THR A 35 -19.39 18.88 -4.70
C THR A 35 -19.98 19.68 -5.85
N ASN A 36 -20.30 18.96 -6.93
CA ASN A 36 -21.00 19.55 -8.07
C ASN A 36 -22.51 19.56 -7.89
N ASP A 37 -23.04 18.76 -6.97
CA ASP A 37 -24.50 18.61 -6.82
C ASP A 37 -24.79 18.36 -5.35
N LEU A 38 -25.30 19.40 -4.67
CA LEU A 38 -25.60 19.27 -3.25
C LEU A 38 -26.64 18.18 -3.00
N ALA A 39 -27.71 18.16 -3.79
CA ALA A 39 -28.77 17.18 -3.58
C ALA A 39 -28.24 15.76 -3.72
N ARG A 40 -27.54 15.47 -4.82
CA ARG A 40 -27.11 14.10 -5.06
C ARG A 40 -25.99 13.68 -4.11
N ALA A 41 -25.21 14.65 -3.61
CA ALA A 41 -24.10 14.32 -2.71
C ALA A 41 -24.58 13.55 -1.49
N SER A 42 -25.78 13.84 -1.00
CA SER A 42 -26.34 13.17 0.17
C SER A 42 -27.41 12.15 -0.20
N LYS A 43 -27.67 11.92 -1.48
CA LYS A 43 -28.62 10.91 -1.91
C LYS A 43 -27.99 9.53 -1.76
N GLU A 44 -28.74 8.59 -1.18
CA GLU A 44 -28.21 7.28 -0.84
C GLU A 44 -28.48 6.29 -1.96
N TYR A 45 -27.43 5.58 -2.37
CA TYR A 45 -27.52 4.57 -3.42
C TYR A 45 -27.01 3.23 -2.91
N LEU A 46 -27.43 2.17 -3.59
CA LEU A 46 -26.85 0.84 -3.46
C LEU A 46 -25.33 0.94 -3.44
N PRO A 47 -24.65 0.44 -2.41
CA PRO A 47 -23.18 0.58 -2.38
C PRO A 47 -22.45 -0.36 -3.34
N ALA A 48 -23.06 -1.46 -3.76
CA ALA A 48 -22.39 -2.44 -4.62
C ALA A 48 -21.05 -2.83 -4.01
N SER A 49 -20.04 -3.07 -4.85
CA SER A 49 -18.81 -3.63 -4.38
C SER A 49 -17.99 -2.66 -3.47
N THR A 50 -18.43 -1.41 -3.27
CA THR A 50 -17.76 -0.55 -2.30
C THR A 50 -17.99 -1.11 -0.90
N PHE A 51 -19.00 -1.96 -0.76
CA PHE A 51 -19.31 -2.56 0.53
C PHE A 51 -18.27 -3.59 0.94
N KCX A 52 -17.39 -3.97 0.01
CA KCX A 52 -16.33 -4.93 0.33
CB KCX A 52 -15.59 -5.38 -0.94
CG KCX A 52 -16.41 -6.29 -1.84
CD KCX A 52 -15.56 -6.88 -2.96
CE KCX A 52 -16.36 -7.85 -3.82
NZ KCX A 52 -17.57 -7.22 -4.43
C KCX A 52 -15.34 -4.33 1.34
O KCX A 52 -14.69 -5.06 2.09
CX KCX A 52 -18.76 -7.42 -3.90
OQ1 KCX A 52 -19.77 -6.89 -4.43
OQ2 KCX A 52 -18.91 -8.13 -2.90
N ILE A 53 -15.34 -3.01 1.50
CA ILE A 53 -14.48 -2.37 2.48
C ILE A 53 -14.97 -2.72 3.89
N PRO A 54 -16.18 -2.29 4.27
CA PRO A 54 -16.68 -2.66 5.60
C PRO A 54 -16.86 -4.16 5.77
N ASN A 55 -17.18 -4.89 4.71
CA ASN A 55 -17.34 -6.33 4.82
C ASN A 55 -16.00 -6.99 5.18
N ALA A 56 -14.91 -6.50 4.57
CA ALA A 56 -13.59 -7.03 4.90
C ALA A 56 -13.21 -6.72 6.34
N ILE A 57 -13.46 -5.49 6.79
CA ILE A 57 -13.18 -5.14 8.17
C ILE A 57 -13.97 -6.03 9.12
N ILE A 58 -15.24 -6.27 8.80
CA ILE A 58 -16.08 -7.08 9.68
C ILE A 58 -15.62 -8.53 9.66
N GLY A 59 -15.24 -9.04 8.48
CA GLY A 59 -14.72 -10.39 8.41
C GLY A 59 -13.49 -10.58 9.28
N LEU A 60 -12.62 -9.57 9.34
CA LEU A 60 -11.42 -9.67 10.17
C LEU A 60 -11.77 -9.52 11.65
N GLU A 61 -12.66 -8.58 11.98
CA GLU A 61 -13.00 -8.36 13.39
C GLU A 61 -13.69 -9.57 14.00
N THR A 62 -14.51 -10.29 13.22
CA THR A 62 -15.23 -11.44 13.72
C THR A 62 -14.40 -12.72 13.68
N GLY A 63 -13.23 -12.70 13.05
CA GLY A 63 -12.45 -13.90 12.88
C GLY A 63 -12.86 -14.77 11.72
N VAL A 64 -13.94 -14.42 11.02
CA VAL A 64 -14.30 -15.13 9.80
C VAL A 64 -13.13 -15.13 8.82
N ILE A 65 -12.49 -13.97 8.66
CA ILE A 65 -11.22 -13.88 7.94
C ILE A 65 -10.13 -14.06 8.99
N LYS A 66 -9.37 -15.16 8.88
CA LYS A 66 -8.48 -15.56 9.97
C LYS A 66 -7.32 -14.58 10.13
N ASN A 67 -6.77 -14.09 9.03
CA ASN A 67 -5.64 -13.17 9.12
C ASN A 67 -5.39 -12.52 7.77
N GLU A 68 -4.42 -11.62 7.75
CA GLU A 68 -4.16 -10.85 6.52
CA GLU A 68 -4.09 -10.85 6.54
C GLU A 68 -3.64 -11.73 5.39
N HIS A 69 -3.06 -12.90 5.69
CA HIS A 69 -2.47 -13.74 4.66
C HIS A 69 -3.37 -14.91 4.27
N GLN A 70 -4.63 -14.90 4.68
CA GLN A 70 -5.53 -15.99 4.33
C GLN A 70 -5.74 -16.05 2.82
N VAL A 71 -5.75 -17.27 2.28
CA VAL A 71 -6.00 -17.51 0.86
C VAL A 71 -7.40 -18.07 0.73
N PHE A 72 -8.22 -17.43 -0.11
CA PHE A 72 -9.59 -17.88 -0.37
C PHE A 72 -9.54 -18.86 -1.53
N LYS A 73 -9.59 -20.15 -1.22
CA LYS A 73 -9.44 -21.17 -2.25
C LYS A 73 -10.68 -21.27 -3.12
N TRP A 74 -10.46 -21.50 -4.41
CA TRP A 74 -11.54 -21.73 -5.36
C TRP A 74 -11.82 -23.23 -5.43
N ASP A 75 -13.08 -23.61 -5.18
CA ASP A 75 -13.45 -25.02 -5.17
C ASP A 75 -13.54 -25.63 -6.57
N GLY A 76 -13.25 -24.86 -7.62
CA GLY A 76 -13.25 -25.38 -8.97
C GLY A 76 -14.57 -25.30 -9.70
N LYS A 77 -15.65 -24.92 -9.04
CA LYS A 77 -16.95 -24.83 -9.67
C LYS A 77 -17.14 -23.48 -10.34
N PRO A 78 -18.01 -23.39 -11.34
CA PRO A 78 -18.10 -22.16 -12.13
C PRO A 78 -18.46 -20.94 -11.29
N ARG A 79 -17.77 -19.84 -11.56
CA ARG A 79 -18.10 -18.53 -11.01
C ARG A 79 -18.43 -17.57 -12.15
N ALA A 80 -19.21 -16.55 -11.85
CA ALA A 80 -19.79 -15.70 -12.88
C ALA A 80 -18.71 -15.07 -13.76
N MET A 81 -17.52 -14.79 -13.22
CA MET A 81 -16.46 -14.15 -13.97
C MET A 81 -15.20 -15.02 -13.91
N LYS A 82 -14.46 -15.04 -15.03
CA LYS A 82 -13.27 -15.85 -15.12
C LYS A 82 -12.19 -15.40 -14.14
N GLN A 83 -12.10 -14.09 -13.89
CA GLN A 83 -11.10 -13.57 -12.96
C GLN A 83 -11.39 -13.96 -11.51
N TRP A 84 -12.54 -14.56 -11.23
CA TRP A 84 -12.86 -15.07 -9.90
C TRP A 84 -12.54 -16.54 -9.73
N GLU A 85 -12.21 -17.24 -10.81
CA GLU A 85 -12.00 -18.69 -10.77
C GLU A 85 -10.53 -18.98 -10.51
N ARG A 86 -10.11 -18.69 -9.28
CA ARG A 86 -8.75 -18.94 -8.84
C ARG A 86 -8.65 -18.66 -7.35
N ASP A 87 -7.61 -19.22 -6.74
CA ASP A 87 -7.30 -18.86 -5.36
C ASP A 87 -6.99 -17.36 -5.29
N LEU A 88 -7.44 -16.73 -4.20
CA LEU A 88 -7.34 -15.28 -4.07
C LEU A 88 -6.95 -14.91 -2.64
N THR A 89 -6.07 -13.91 -2.53
CA THR A 89 -5.82 -13.27 -1.25
C THR A 89 -6.92 -12.23 -0.98
N LEU A 90 -6.86 -11.61 0.19
CA LEU A 90 -7.80 -10.55 0.51
C LEU A 90 -7.69 -9.39 -0.47
N ARG A 91 -6.46 -8.92 -0.71
CA ARG A 91 -6.27 -7.87 -1.70
C ARG A 91 -6.73 -8.32 -3.09
N GLY A 92 -6.32 -9.52 -3.49
CA GLY A 92 -6.75 -10.03 -4.79
C GLY A 92 -8.25 -10.07 -4.93
N ALA A 93 -8.95 -10.55 -3.90
CA ALA A 93 -10.41 -10.61 -3.96
C ALA A 93 -11.01 -9.21 -4.06
N ILE A 94 -10.44 -8.25 -3.34
CA ILE A 94 -10.95 -6.88 -3.41
C ILE A 94 -10.66 -6.27 -4.77
N GLN A 95 -9.49 -6.56 -5.34
CA GLN A 95 -9.08 -5.90 -6.58
C GLN A 95 -9.89 -6.38 -7.78
N VAL A 96 -10.29 -7.64 -7.81
CA VAL A 96 -11.16 -8.14 -8.88
C VAL A 96 -12.63 -8.12 -8.49
N SER A 97 -12.95 -7.64 -7.30
N SER A 97 -12.96 -7.63 -7.31
CA SER A 97 -14.33 -7.59 -6.82
CA SER A 97 -14.34 -7.59 -6.83
C SER A 97 -14.98 -8.98 -6.89
C SER A 97 -14.97 -8.98 -6.91
N ALA A 98 -14.33 -9.93 -6.20
CA ALA A 98 -14.76 -11.33 -6.22
C ALA A 98 -15.98 -11.49 -5.33
N VAL A 99 -17.16 -11.33 -5.92
CA VAL A 99 -18.41 -11.44 -5.17
C VAL A 99 -18.49 -12.75 -4.39
N PRO A 100 -18.20 -13.92 -4.96
CA PRO A 100 -18.40 -15.17 -4.21
C PRO A 100 -17.62 -15.22 -2.90
N VAL A 101 -16.40 -14.67 -2.89
CA VAL A 101 -15.60 -14.70 -1.67
C VAL A 101 -16.30 -13.94 -0.56
N PHE A 102 -16.77 -12.73 -0.85
CA PHE A 102 -17.42 -11.91 0.17
C PHE A 102 -18.84 -12.35 0.46
N GLN A 103 -19.51 -13.03 -0.46
CA GLN A 103 -20.80 -13.64 -0.13
C GLN A 103 -20.64 -14.66 0.99
N GLN A 104 -19.62 -15.52 0.89
CA GLN A 104 -19.37 -16.51 1.93
C GLN A 104 -18.96 -15.85 3.24
N ILE A 105 -18.15 -14.79 3.17
CA ILE A 105 -17.80 -14.04 4.36
C ILE A 105 -19.07 -13.54 5.06
N ALA A 106 -19.98 -12.95 4.28
CA ALA A 106 -21.20 -12.41 4.87
C ALA A 106 -22.05 -13.50 5.50
N ARG A 107 -22.15 -14.66 4.84
CA ARG A 107 -22.92 -15.76 5.40
C ARG A 107 -22.36 -16.19 6.76
N GLU A 108 -21.04 -16.21 6.89
CA GLU A 108 -20.42 -16.62 8.16
C GLU A 108 -20.54 -15.52 9.20
N VAL A 109 -20.40 -14.26 8.80
CA VAL A 109 -20.62 -13.15 9.73
C VAL A 109 -22.02 -13.23 10.33
N GLY A 110 -23.02 -13.40 9.47
CA GLY A 110 -24.40 -13.49 9.92
C GLY A 110 -25.05 -12.12 10.03
N GLU A 111 -26.38 -12.12 9.96
CA GLU A 111 -27.13 -10.86 9.92
C GLU A 111 -26.98 -10.08 11.23
N VAL A 112 -27.01 -10.76 12.36
CA VAL A 112 -26.98 -10.07 13.65
C VAL A 112 -25.66 -9.32 13.81
N ARG A 113 -24.54 -10.01 13.62
CA ARG A 113 -23.24 -9.35 13.72
C ARG A 113 -23.10 -8.27 12.65
N MET A 114 -23.55 -8.55 11.44
CA MET A 114 -23.47 -7.56 10.37
C MET A 114 -24.22 -6.28 10.75
N GLN A 115 -25.47 -6.42 11.22
CA GLN A 115 -26.23 -5.26 11.66
C GLN A 115 -25.48 -4.51 12.75
N LYS A 116 -24.93 -5.23 13.73
CA LYS A 116 -24.18 -4.61 14.81
C LYS A 116 -23.09 -3.68 14.28
N TYR A 117 -22.29 -4.16 13.31
CA TYR A 117 -21.14 -3.40 12.85
C TYR A 117 -21.51 -2.24 11.94
N LEU A 118 -22.56 -2.38 11.13
CA LEU A 118 -22.99 -1.24 10.32
C LEU A 118 -23.55 -0.12 11.19
N LYS A 119 -24.16 -0.48 12.33
CA LYS A 119 -24.54 0.53 13.31
C LYS A 119 -23.31 1.23 13.88
N LYS A 120 -22.27 0.45 14.21
CA LYS A 120 -21.05 1.04 14.73
C LYS A 120 -20.36 1.92 13.69
N PHE A 121 -20.41 1.51 12.42
CA PHE A 121 -19.77 2.26 11.35
C PHE A 121 -20.60 3.44 10.86
N SER A 122 -21.86 3.56 11.30
CA SER A 122 -22.79 4.54 10.73
C SER A 122 -22.79 4.43 9.21
N TYR A 123 -23.02 3.22 8.72
CA TYR A 123 -22.89 2.93 7.30
C TYR A 123 -24.27 3.04 6.65
N GLY A 124 -24.55 4.22 6.08
CA GLY A 124 -25.76 4.42 5.31
C GLY A 124 -27.01 4.25 6.14
N ASN A 125 -28.04 3.70 5.51
CA ASN A 125 -29.29 3.45 6.22
C ASN A 125 -29.25 2.17 7.04
N GLN A 126 -28.14 1.42 6.97
CA GLN A 126 -27.92 0.25 7.82
C GLN A 126 -28.98 -0.81 7.63
N ASN A 127 -29.65 -0.81 6.48
CA ASN A 127 -30.70 -1.78 6.18
C ASN A 127 -30.08 -2.94 5.42
N ILE A 128 -29.92 -4.08 6.09
CA ILE A 128 -29.31 -5.26 5.49
C ILE A 128 -30.36 -6.28 5.06
N SER A 129 -31.62 -5.85 4.90
N SER A 129 -31.62 -5.85 4.90
CA SER A 129 -32.67 -6.75 4.45
CA SER A 129 -32.65 -6.78 4.47
C SER A 129 -32.45 -7.13 2.99
C SER A 129 -32.48 -7.12 2.99
N GLY A 130 -33.02 -8.27 2.61
CA GLY A 130 -32.95 -8.74 1.25
C GLY A 130 -31.99 -9.90 0.98
N GLY A 131 -31.54 -10.60 2.02
CA GLY A 131 -30.61 -11.70 1.84
C GLY A 131 -29.22 -11.38 2.34
N ILE A 132 -28.65 -12.26 3.16
CA ILE A 132 -27.37 -11.98 3.79
C ILE A 132 -26.24 -11.90 2.76
N ASP A 133 -26.35 -12.65 1.66
CA ASP A 133 -25.30 -12.70 0.65
C ASP A 133 -25.55 -11.76 -0.51
N LYS A 134 -26.48 -10.80 -0.37
CA LYS A 134 -26.73 -9.90 -1.50
C LYS A 134 -27.44 -8.62 -1.12
N PHE A 135 -27.49 -8.21 0.15
CA PHE A 135 -28.19 -6.97 0.48
C PHE A 135 -27.47 -5.76 -0.09
N TRP A 136 -26.16 -5.85 -0.34
CA TRP A 136 -25.41 -4.73 -0.91
C TRP A 136 -25.40 -4.72 -2.43
N LEU A 137 -25.91 -5.77 -3.07
CA LEU A 137 -25.96 -5.87 -4.53
C LEU A 137 -27.36 -5.63 -5.09
N GLU A 138 -28.39 -6.11 -4.41
CA GLU A 138 -29.77 -5.93 -4.88
C GLU A 138 -30.74 -5.73 -3.74
N GLY A 139 -30.27 -5.52 -2.52
CA GLY A 139 -31.13 -5.36 -1.36
C GLY A 139 -31.50 -3.92 -1.11
N GLN A 140 -31.70 -3.59 0.17
CA GLN A 140 -32.20 -2.30 0.60
C GLN A 140 -31.12 -1.38 1.14
N LEU A 141 -29.89 -1.86 1.28
CA LEU A 141 -28.82 -1.02 1.82
C LEU A 141 -28.54 0.14 0.88
N ARG A 142 -28.50 1.35 1.44
CA ARG A 142 -28.23 2.57 0.70
C ARG A 142 -27.20 3.40 1.45
N ILE A 143 -26.30 4.05 0.71
CA ILE A 143 -25.31 4.94 1.29
C ILE A 143 -25.00 6.04 0.29
N SER A 144 -24.71 7.24 0.80
CA SER A 144 -24.47 8.40 -0.02
C SER A 144 -22.96 8.65 -0.18
N ALA A 145 -22.64 9.55 -1.11
CA ALA A 145 -21.24 9.91 -1.33
C ALA A 145 -20.65 10.59 -0.11
N VAL A 146 -21.42 11.43 0.57
CA VAL A 146 -20.95 12.08 1.78
C VAL A 146 -20.69 11.05 2.87
N ASN A 147 -21.61 10.11 3.06
CA ASN A 147 -21.43 9.06 4.05
C ASN A 147 -20.17 8.25 3.78
N GLN A 148 -19.91 7.94 2.50
CA GLN A 148 -18.73 7.18 2.15
C GLN A 148 -17.46 7.91 2.57
N VAL A 149 -17.40 9.21 2.28
CA VAL A 149 -16.23 10.00 2.67
C VAL A 149 -16.05 10.00 4.18
N GLU A 150 -17.15 10.16 4.93
CA GLU A 150 -17.06 10.11 6.38
C GLU A 150 -16.53 8.76 6.85
N PHE A 151 -17.03 7.67 6.26
CA PHE A 151 -16.57 6.34 6.62
C PHE A 151 -15.11 6.14 6.25
N LEU A 152 -14.69 6.60 5.07
CA LEU A 152 -13.30 6.45 4.67
C LEU A 152 -12.37 7.27 5.56
N GLU A 153 -12.82 8.43 6.03
CA GLU A 153 -12.01 9.24 6.93
C GLU A 153 -11.77 8.52 8.24
N SER A 154 -12.81 7.91 8.80
CA SER A 154 -12.64 7.11 10.01
C SER A 154 -11.62 6.00 9.80
N LEU A 155 -11.75 5.27 8.68
CA LEU A 155 -10.79 4.22 8.36
C LEU A 155 -9.38 4.78 8.25
N TYR A 156 -9.24 5.91 7.55
CA TYR A 156 -7.92 6.53 7.41
C TYR A 156 -7.30 6.85 8.76
N LEU A 157 -8.11 7.33 9.69
CA LEU A 157 -7.63 7.71 11.02
C LEU A 157 -7.57 6.54 11.99
N ASN A 158 -7.91 5.33 11.55
CA ASN A 158 -7.99 4.17 12.43
C ASN A 158 -9.03 4.39 13.54
N LYS A 159 -10.08 5.15 13.23
CA LYS A 159 -11.11 5.50 14.21
C LYS A 159 -12.35 4.63 14.11
N LEU A 160 -12.40 3.68 13.18
CA LEU A 160 -13.53 2.77 13.11
C LEU A 160 -13.51 1.82 14.30
N SER A 161 -14.67 1.22 14.58
CA SER A 161 -14.82 0.31 15.70
C SER A 161 -14.21 -1.04 15.33
N ALA A 162 -12.88 -1.05 15.28
CA ALA A 162 -12.11 -2.23 14.94
C ALA A 162 -10.68 -1.99 15.38
N SER A 163 -9.92 -3.07 15.51
CA SER A 163 -8.51 -2.94 15.86
C SER A 163 -7.79 -2.14 14.79
N LYS A 164 -6.78 -1.38 15.21
CA LYS A 164 -5.95 -0.68 14.23
C LYS A 164 -5.26 -1.66 13.29
N GLU A 165 -4.92 -2.85 13.78
CA GLU A 165 -4.30 -3.86 12.93
C GLU A 165 -5.22 -4.24 11.78
N ASN A 166 -6.48 -4.55 12.07
CA ASN A 166 -7.41 -4.96 11.02
C ASN A 166 -7.69 -3.82 10.05
N GLN A 167 -7.77 -2.59 10.55
CA GLN A 167 -7.96 -1.44 9.66
C GLN A 167 -6.75 -1.25 8.77
N LEU A 168 -5.54 -1.49 9.29
CA LEU A 168 -4.34 -1.39 8.48
C LEU A 168 -4.30 -2.47 7.40
N ILE A 169 -4.71 -3.69 7.75
CA ILE A 169 -4.75 -4.78 6.77
C ILE A 169 -5.66 -4.40 5.61
N VAL A 170 -6.82 -3.83 5.90
CA VAL A 170 -7.77 -3.48 4.84
C VAL A 170 -7.23 -2.32 4.01
N LYS A 171 -6.63 -1.33 4.66
CA LYS A 171 -6.08 -0.20 3.92
C LYS A 171 -5.01 -0.67 2.94
N GLU A 172 -4.13 -1.57 3.37
CA GLU A 172 -3.11 -2.10 2.48
C GLU A 172 -3.74 -2.76 1.26
N ALA A 173 -4.86 -3.45 1.44
CA ALA A 173 -5.53 -4.11 0.34
C ALA A 173 -6.22 -3.14 -0.61
N LEU A 174 -6.35 -1.87 -0.23
CA LEU A 174 -7.05 -0.87 -1.04
C LEU A 174 -6.11 0.03 -1.84
N VAL A 175 -4.80 -0.11 -1.69
CA VAL A 175 -3.88 0.71 -2.48
C VAL A 175 -4.06 0.38 -3.95
N THR A 176 -4.32 1.41 -4.76
CA THR A 176 -4.52 1.23 -6.20
C THR A 176 -3.55 2.02 -7.07
N GLU A 177 -2.95 3.09 -6.55
CA GLU A 177 -1.88 3.77 -7.27
C GLU A 177 -0.84 4.24 -6.26
N ALA A 178 0.43 3.97 -6.58
CA ALA A 178 1.55 4.39 -5.75
C ALA A 178 2.51 5.18 -6.62
N ALA A 179 2.73 6.44 -6.26
CA ALA A 179 3.69 7.32 -6.91
C ALA A 179 4.54 7.96 -5.83
N PRO A 180 5.75 8.41 -6.17
CA PRO A 180 6.58 9.08 -5.17
C PRO A 180 5.92 10.32 -4.58
N GLU A 181 5.02 10.95 -5.32
CA GLU A 181 4.38 12.18 -4.85
C GLU A 181 3.10 11.93 -4.06
N TYR A 182 2.37 10.85 -4.34
CA TYR A 182 1.10 10.64 -3.68
C TYR A 182 0.75 9.15 -3.68
N LEU A 183 -0.12 8.79 -2.74
CA LEU A 183 -0.62 7.42 -2.60
C LEU A 183 -2.14 7.46 -2.68
N VAL A 184 -2.70 6.53 -3.44
CA VAL A 184 -4.15 6.48 -3.67
C VAL A 184 -4.68 5.15 -3.13
N HIS A 185 -5.67 5.24 -2.24
CA HIS A 185 -6.50 4.12 -1.83
C HIS A 185 -7.90 4.32 -2.41
N SER A 186 -8.49 3.26 -2.96
CA SER A 186 -9.78 3.41 -3.60
C SER A 186 -10.45 2.06 -3.79
N LYS A 187 -11.74 2.11 -4.12
CA LYS A 187 -12.53 0.92 -4.44
C LYS A 187 -13.61 1.31 -5.44
N THR A 188 -13.83 0.45 -6.42
CA THR A 188 -14.86 0.65 -7.43
C THR A 188 -16.16 -0.05 -7.03
N GLY A 189 -17.25 0.37 -7.66
CA GLY A 189 -18.53 -0.29 -7.49
C GLY A 189 -19.35 -0.20 -8.75
N PHE A 190 -20.23 -1.19 -8.93
CA PHE A 190 -21.05 -1.30 -10.14
C PHE A 190 -22.20 -2.24 -9.82
N SER A 191 -23.43 -1.71 -9.77
CA SER A 191 -24.59 -2.51 -9.42
C SER A 191 -25.21 -3.22 -10.63
N GLY A 192 -24.85 -2.84 -11.84
CA GLY A 192 -25.50 -3.34 -13.04
C GLY A 192 -26.07 -2.20 -13.86
N VAL A 193 -26.77 -2.58 -14.94
CA VAL A 193 -27.31 -1.61 -15.88
C VAL A 193 -28.70 -1.13 -15.50
N GLY A 194 -29.31 -1.69 -14.47
CA GLY A 194 -30.57 -1.20 -13.96
C GLY A 194 -31.75 -1.58 -14.82
N THR A 195 -32.94 -1.31 -14.29
CA THR A 195 -34.20 -1.61 -14.96
C THR A 195 -34.58 -0.46 -15.89
N GLU A 196 -35.76 -0.57 -16.50
CA GLU A 196 -36.28 0.47 -17.37
C GLU A 196 -36.62 1.70 -16.54
N SER A 197 -36.03 2.85 -16.89
CA SER A 197 -36.23 4.12 -16.20
C SER A 197 -35.63 4.12 -14.80
N ASN A 198 -34.93 3.06 -14.41
CA ASN A 198 -34.27 2.97 -13.11
C ASN A 198 -32.87 2.43 -13.34
N PRO A 199 -31.92 3.30 -13.68
CA PRO A 199 -30.58 2.83 -14.01
C PRO A 199 -29.82 2.35 -12.78
N GLY A 200 -28.74 1.63 -13.04
CA GLY A 200 -27.85 1.20 -11.98
C GLY A 200 -26.98 2.35 -11.49
N VAL A 201 -26.07 2.02 -10.58
CA VAL A 201 -25.14 2.97 -10.01
C VAL A 201 -23.73 2.44 -10.15
N ALA A 202 -22.80 3.33 -10.50
CA ALA A 202 -21.38 3.03 -10.52
C ALA A 202 -20.65 3.96 -9.56
N TRP A 203 -19.69 3.41 -8.80
CA TRP A 203 -19.00 4.12 -7.75
C TRP A 203 -17.50 4.18 -7.99
N TRP A 204 -16.88 5.23 -7.46
CA TRP A 204 -15.43 5.22 -7.21
C TRP A 204 -15.19 6.06 -5.97
N VAL A 205 -14.71 5.43 -4.90
CA VAL A 205 -14.48 6.10 -3.62
C VAL A 205 -13.06 5.79 -3.16
N GLY A 206 -12.51 6.69 -2.35
CA GLY A 206 -11.17 6.48 -1.83
C GLY A 206 -10.61 7.76 -1.24
N TRP A 207 -9.29 7.79 -1.11
CA TRP A 207 -8.61 8.99 -0.62
C TRP A 207 -7.20 9.03 -1.17
N VAL A 208 -6.62 10.23 -1.16
CA VAL A 208 -5.28 10.48 -1.69
C VAL A 208 -4.42 11.05 -0.57
N GLU A 209 -3.27 10.43 -0.34
CA GLU A 209 -2.29 10.92 0.62
C GLU A 209 -1.16 11.58 -0.14
N LYS A 210 -0.89 12.85 0.16
CA LYS A 210 0.08 13.63 -0.61
C LYS A 210 0.71 14.67 0.31
N GLU A 211 2.04 14.78 0.26
CA GLU A 211 2.80 15.66 1.15
C GLU A 211 2.31 15.36 2.57
N THR A 212 1.94 16.36 3.36
CA THR A 212 1.33 16.14 4.67
C THR A 212 -0.18 16.30 4.65
N GLU A 213 -0.80 16.13 3.48
CA GLU A 213 -2.23 16.36 3.32
C GLU A 213 -2.92 15.09 2.85
N VAL A 214 -4.22 15.02 3.11
CA VAL A 214 -5.06 13.90 2.69
C VAL A 214 -6.33 14.45 2.06
N TYR A 215 -6.79 13.79 0.99
CA TYR A 215 -8.00 14.18 0.27
C TYR A 215 -8.92 12.97 0.17
N PHE A 216 -10.15 13.10 0.64
CA PHE A 216 -11.15 12.05 0.54
C PHE A 216 -12.11 12.36 -0.61
N PHE A 217 -12.47 11.34 -1.37
CA PHE A 217 -13.33 11.54 -2.53
C PHE A 217 -14.34 10.39 -2.64
N ALA A 218 -15.49 10.72 -3.21
CA ALA A 218 -16.53 9.73 -3.50
C ALA A 218 -17.26 10.16 -4.76
N PHE A 219 -17.43 9.22 -5.69
CA PHE A 219 -18.08 9.47 -6.96
C PHE A 219 -19.12 8.39 -7.21
N ASN A 220 -20.30 8.80 -7.67
CA ASN A 220 -21.26 7.85 -8.20
C ASN A 220 -21.97 8.47 -9.39
N MET A 221 -22.54 7.62 -10.23
N MET A 221 -22.54 7.62 -10.23
CA MET A 221 -23.18 8.05 -11.46
CA MET A 221 -23.21 8.07 -11.44
C MET A 221 -24.28 7.05 -11.83
C MET A 221 -24.27 7.05 -11.83
N ASP A 222 -25.31 7.55 -12.51
CA ASP A 222 -26.27 6.66 -13.15
C ASP A 222 -25.58 5.95 -14.31
N ILE A 223 -25.87 4.66 -14.47
CA ILE A 223 -25.29 3.88 -15.56
C ILE A 223 -26.32 2.86 -16.03
N ASP A 224 -26.55 2.82 -17.34
CA ASP A 224 -27.44 1.85 -17.97
C ASP A 224 -26.77 1.11 -19.12
N ASN A 225 -25.47 1.33 -19.33
CA ASN A 225 -24.73 0.63 -20.37
C ASN A 225 -23.30 0.47 -19.91
N GLU A 226 -22.81 -0.78 -19.90
CA GLU A 226 -21.47 -1.05 -19.41
C GLU A 226 -20.39 -0.23 -20.11
N SER A 227 -20.66 0.24 -21.33
CA SER A 227 -19.67 1.02 -22.06
C SER A 227 -19.34 2.35 -21.37
N LYS A 228 -20.24 2.82 -20.49
CA LYS A 228 -20.00 4.06 -19.75
C LYS A 228 -19.13 3.87 -18.52
N LEU A 229 -18.77 2.63 -18.19
CA LEU A 229 -18.14 2.35 -16.91
C LEU A 229 -16.84 3.12 -16.69
N PRO A 230 -15.92 3.22 -17.66
CA PRO A 230 -14.67 3.94 -17.39
C PRO A 230 -14.86 5.39 -16.97
N LEU A 231 -16.04 5.97 -17.21
CA LEU A 231 -16.26 7.35 -16.82
C LEU A 231 -16.21 7.52 -15.31
N ARG A 232 -16.48 6.46 -14.55
CA ARG A 232 -16.50 6.56 -13.09
C ARG A 232 -15.12 6.86 -12.52
N LYS A 233 -14.05 6.58 -13.26
CA LYS A 233 -12.71 6.96 -12.85
C LYS A 233 -12.18 8.15 -13.62
N SER A 234 -12.56 8.29 -14.90
CA SER A 234 -12.00 9.35 -15.73
C SER A 234 -12.53 10.73 -15.32
N ILE A 235 -13.81 10.81 -14.94
CA ILE A 235 -14.40 12.09 -14.55
C ILE A 235 -13.75 12.55 -13.24
N PRO A 236 -13.80 11.76 -12.16
CA PRO A 236 -13.13 12.20 -10.93
C PRO A 236 -11.62 12.40 -11.10
N THR A 237 -10.97 11.57 -11.93
CA THR A 237 -9.54 11.77 -12.18
C THR A 237 -9.27 13.12 -12.84
N LYS A 238 -10.06 13.46 -13.86
CA LYS A 238 -9.88 14.76 -14.52
C LYS A 238 -10.08 15.89 -13.55
N ILE A 239 -11.10 15.81 -12.68
CA ILE A 239 -11.34 16.85 -11.70
C ILE A 239 -10.16 16.97 -10.75
N MET A 240 -9.74 15.84 -10.17
CA MET A 240 -8.64 15.89 -9.21
C MET A 240 -7.33 16.29 -9.88
N GLU A 241 -7.14 15.94 -11.15
CA GLU A 241 -5.99 16.43 -11.90
C GLU A 241 -6.04 17.95 -12.06
N SER A 242 -7.20 18.48 -12.46
CA SER A 242 -7.32 19.91 -12.67
C SER A 242 -7.11 20.68 -11.38
N GLU A 243 -7.41 20.07 -10.24
CA GLU A 243 -7.20 20.69 -8.94
C GLU A 243 -5.76 20.57 -8.45
N GLY A 244 -4.88 19.92 -9.22
CA GLY A 244 -3.51 19.75 -8.82
C GLY A 244 -3.26 18.60 -7.86
N ILE A 245 -4.30 17.83 -7.52
CA ILE A 245 -4.11 16.70 -6.62
C ILE A 245 -3.40 15.56 -7.33
N ILE A 246 -3.81 15.27 -8.57
CA ILE A 246 -3.25 14.17 -9.34
C ILE A 246 -3.40 12.86 -8.59
CA MET B 1 15.37 -19.53 3.09
C MET B 1 15.74 -21.00 3.20
N GLY B 2 15.15 -21.82 2.33
CA GLY B 2 15.40 -23.25 2.35
C GLY B 2 16.50 -23.69 1.41
N SER B 3 16.68 -22.97 0.31
CA SER B 3 17.71 -23.33 -0.66
C SER B 3 17.99 -22.12 -1.53
N ILE B 4 19.15 -22.16 -2.18
CA ILE B 4 19.57 -21.10 -3.10
C ILE B 4 20.33 -21.74 -4.25
N THR B 5 20.11 -21.23 -5.46
CA THR B 5 20.72 -21.74 -6.66
C THR B 5 21.28 -20.58 -7.47
N GLU B 6 22.40 -20.81 -8.14
CA GLU B 6 22.97 -19.82 -9.04
C GLU B 6 22.32 -19.95 -10.41
N ASN B 7 21.89 -18.82 -10.96
CA ASN B 7 21.32 -18.76 -12.31
C ASN B 7 22.17 -17.75 -13.08
N THR B 8 23.18 -18.25 -13.80
CA THR B 8 24.09 -17.36 -14.52
C THR B 8 23.44 -16.72 -15.74
N SER B 9 22.24 -17.16 -16.14
CA SER B 9 21.57 -16.52 -17.27
C SER B 9 21.12 -15.10 -16.94
N TRP B 10 21.06 -14.73 -15.66
CA TRP B 10 20.74 -13.37 -15.28
C TRP B 10 21.92 -12.42 -15.48
N ASN B 11 23.12 -12.93 -15.71
CA ASN B 11 24.28 -12.06 -15.88
C ASN B 11 24.17 -11.20 -17.13
N LYS B 12 23.35 -11.60 -18.10
CA LYS B 12 23.21 -10.82 -19.33
C LYS B 12 22.77 -9.39 -19.04
N GLU B 13 21.84 -9.22 -18.10
CA GLU B 13 21.35 -7.89 -17.77
C GLU B 13 22.45 -7.03 -17.14
N PHE B 14 23.34 -7.65 -16.36
CA PHE B 14 24.43 -6.91 -15.75
C PHE B 14 25.48 -6.52 -16.78
N SER B 15 25.97 -7.49 -17.55
CA SER B 15 27.03 -7.20 -18.52
C SER B 15 26.55 -6.27 -19.63
N ALA B 16 25.25 -6.26 -19.92
CA ALA B 16 24.74 -5.34 -20.93
C ALA B 16 24.93 -3.90 -20.50
N GLU B 17 24.83 -3.62 -19.20
CA GLU B 17 25.03 -2.29 -18.66
C GLU B 17 26.43 -2.12 -18.06
N ALA B 18 27.25 -3.16 -18.06
CA ALA B 18 28.57 -3.13 -17.45
C ALA B 18 28.47 -2.77 -15.96
N VAL B 19 27.66 -3.55 -15.25
CA VAL B 19 27.43 -3.36 -13.82
C VAL B 19 27.94 -4.58 -13.07
N ASN B 20 28.65 -4.32 -11.97
CA ASN B 20 29.07 -5.37 -11.04
C ASN B 20 28.11 -5.34 -9.86
N GLY B 21 27.25 -6.33 -9.77
CA GLY B 21 26.26 -6.38 -8.71
C GLY B 21 25.67 -7.77 -8.59
N VAL B 22 24.63 -7.88 -7.76
CA VAL B 22 23.98 -9.15 -7.49
C VAL B 22 22.48 -8.92 -7.34
N PHE B 23 21.72 -9.92 -7.75
CA PHE B 23 20.27 -9.94 -7.55
C PHE B 23 19.89 -11.27 -6.91
N VAL B 24 19.12 -11.20 -5.83
CA VAL B 24 18.61 -12.38 -5.14
C VAL B 24 17.09 -12.33 -5.19
N LEU B 25 16.48 -13.43 -5.66
CA LEU B 25 15.03 -13.53 -5.82
C LEU B 25 14.57 -14.82 -5.17
N CYS B 26 13.67 -14.71 -4.20
CA CYS B 26 13.20 -15.86 -3.44
C CYS B 26 11.70 -16.01 -3.60
N LYS B 27 11.26 -17.23 -3.91
CA LYS B 27 9.85 -17.55 -4.03
C LYS B 27 9.36 -18.11 -2.71
N SER B 28 8.44 -17.40 -2.06
CA SER B 28 8.03 -17.76 -0.70
C SER B 28 7.44 -19.15 -0.64
N SER B 29 6.56 -19.50 -1.58
CA SER B 29 5.83 -20.77 -1.49
C SER B 29 6.78 -21.95 -1.42
N SER B 30 7.86 -21.92 -2.19
CA SER B 30 8.82 -23.03 -2.25
C SER B 30 10.03 -22.82 -1.35
N LYS B 31 10.15 -21.66 -0.70
CA LYS B 31 11.28 -21.39 0.18
C LYS B 31 12.61 -21.59 -0.56
N SER B 32 12.67 -21.11 -1.79
CA SER B 32 13.85 -21.28 -2.64
C SER B 32 14.26 -19.95 -3.24
N CYS B 33 15.55 -19.69 -3.28
CA CYS B 33 16.12 -18.46 -3.81
C CYS B 33 16.98 -18.75 -5.02
N ALA B 34 17.11 -17.74 -5.88
CA ALA B 34 17.99 -17.80 -7.05
C ALA B 34 18.78 -16.51 -7.11
N THR B 35 20.05 -16.61 -7.51
CA THR B 35 20.89 -15.43 -7.63
C THR B 35 21.87 -15.62 -8.79
N ASN B 36 22.35 -14.49 -9.32
CA ASN B 36 23.32 -14.53 -10.39
C ASN B 36 24.73 -14.77 -9.89
N ASP B 37 24.98 -14.57 -8.60
CA ASP B 37 26.34 -14.67 -8.04
C ASP B 37 26.23 -15.02 -6.57
N LEU B 38 26.46 -16.30 -6.25
N LEU B 38 26.48 -16.29 -6.25
CA LEU B 38 26.36 -16.75 -4.87
CA LEU B 38 26.35 -16.75 -4.87
C LEU B 38 27.31 -15.98 -3.96
C LEU B 38 27.32 -16.01 -3.95
N ALA B 39 28.55 -15.78 -4.41
CA ALA B 39 29.55 -15.14 -3.56
C ALA B 39 29.12 -13.73 -3.16
N ARG B 40 28.74 -12.91 -4.15
CA ARG B 40 28.37 -11.53 -3.83
C ARG B 40 27.04 -11.47 -3.08
N ALA B 41 26.15 -12.44 -3.31
CA ALA B 41 24.90 -12.47 -2.56
C ALA B 41 25.15 -12.57 -1.06
N SER B 42 26.28 -13.14 -0.66
CA SER B 42 26.64 -13.28 0.75
C SER B 42 27.60 -12.20 1.22
N LYS B 43 28.14 -11.39 0.32
CA LYS B 43 29.02 -10.30 0.72
C LYS B 43 28.20 -9.21 1.41
N GLU B 44 28.75 -8.64 2.47
CA GLU B 44 28.05 -7.68 3.30
C GLU B 44 28.49 -6.26 2.94
N TYR B 45 27.51 -5.38 2.76
CA TYR B 45 27.76 -3.99 2.40
C TYR B 45 27.02 -3.06 3.36
N LEU B 46 27.46 -1.81 3.41
CA LEU B 46 26.69 -0.78 4.09
C LEU B 46 25.24 -0.84 3.62
N PRO B 47 24.27 -0.92 4.53
CA PRO B 47 22.86 -0.91 4.07
C PRO B 47 22.44 0.44 3.53
N ALA B 48 23.06 1.52 3.98
CA ALA B 48 22.65 2.87 3.58
C ALA B 48 21.17 3.07 3.93
N SER B 49 20.40 3.68 3.03
CA SER B 49 19.05 4.04 3.36
C SER B 49 18.07 2.82 3.44
N THR B 50 18.52 1.63 3.07
CA THR B 50 17.69 0.44 3.30
C THR B 50 17.52 0.25 4.81
N PHE B 51 18.45 0.81 5.58
CA PHE B 51 18.38 0.70 7.04
C PHE B 51 17.18 1.47 7.60
N KCX B 52 16.54 2.30 6.77
CA KCX B 52 15.38 3.05 7.23
CB KCX B 52 14.98 4.11 6.20
CG KCX B 52 15.97 5.26 6.08
CD KCX B 52 15.37 6.43 5.32
CE KCX B 52 16.30 7.64 5.33
NZ KCX B 52 17.63 7.34 4.71
C KCX B 52 14.21 2.12 7.53
O KCX B 52 13.25 2.52 8.19
CX KCX B 52 18.71 7.13 5.47
OQ1 KCX B 52 18.62 7.19 6.71
OQ2 KCX B 52 19.79 6.89 4.95
N ILE B 53 14.27 0.88 7.05
CA ILE B 53 13.22 -0.09 7.33
C ILE B 53 13.29 -0.54 8.79
N PRO B 54 14.41 -1.13 9.21
CA PRO B 54 14.53 -1.45 10.65
C PRO B 54 14.49 -0.23 11.54
N ASN B 55 15.10 0.88 11.10
CA ASN B 55 15.12 2.10 11.91
C ASN B 55 13.69 2.61 12.15
N ALA B 56 12.82 2.51 11.14
CA ALA B 56 11.44 2.94 11.31
C ALA B 56 10.71 2.03 12.29
N ILE B 57 10.90 0.72 12.17
CA ILE B 57 10.25 -0.21 13.10
C ILE B 57 10.71 0.07 14.52
N ILE B 58 12.03 0.25 14.71
CA ILE B 58 12.56 0.50 16.04
C ILE B 58 12.05 1.82 16.58
N GLY B 59 11.99 2.85 15.74
CA GLY B 59 11.43 4.12 16.17
C GLY B 59 10.00 3.98 16.66
N LEU B 60 9.20 3.17 15.98
CA LEU B 60 7.83 2.94 16.42
C LEU B 60 7.79 2.12 17.70
N GLU B 61 8.58 1.04 17.76
CA GLU B 61 8.55 0.15 18.92
C GLU B 61 8.97 0.89 20.18
N THR B 62 9.91 1.83 20.07
CA THR B 62 10.41 2.56 21.22
C THR B 62 9.55 3.77 21.57
N GLY B 63 8.52 4.06 20.78
CA GLY B 63 7.71 5.24 20.99
C GLY B 63 8.30 6.52 20.47
N VAL B 64 9.56 6.50 20.00
CA VAL B 64 10.16 7.69 19.40
C VAL B 64 9.29 8.21 18.27
N ILE B 65 8.78 7.30 17.43
CA ILE B 65 7.79 7.62 16.42
C ILE B 65 6.43 7.28 17.00
N LYS B 66 5.52 8.26 17.02
CA LYS B 66 4.23 8.06 17.67
C LYS B 66 3.33 7.15 16.83
N ASN B 67 3.15 7.48 15.55
CA ASN B 67 2.33 6.69 14.65
C ASN B 67 2.58 7.17 13.23
N GLU B 68 1.89 6.55 12.27
CA GLU B 68 2.10 6.87 10.86
C GLU B 68 1.60 8.27 10.50
N HIS B 69 0.86 8.94 11.37
CA HIS B 69 0.34 10.27 11.09
C HIS B 69 1.19 11.37 11.72
N GLN B 70 2.27 11.01 12.43
CA GLN B 70 3.16 12.02 12.96
C GLN B 70 3.81 12.78 11.81
N VAL B 71 3.85 14.11 11.94
CA VAL B 71 4.47 14.98 10.95
C VAL B 71 5.83 15.40 11.48
N PHE B 72 6.89 15.01 10.76
CA PHE B 72 8.25 15.40 11.12
C PHE B 72 8.50 16.80 10.60
N LYS B 73 8.45 17.79 11.50
CA LYS B 73 8.53 19.19 11.11
C LYS B 73 9.93 19.53 10.62
N TRP B 74 10.00 20.42 9.62
CA TRP B 74 11.27 20.98 9.18
C TRP B 74 11.52 22.29 9.93
N ASP B 75 12.69 22.41 10.54
CA ASP B 75 13.02 23.58 11.34
C ASP B 75 13.53 24.75 10.50
N GLY B 76 13.62 24.60 9.18
CA GLY B 76 14.02 25.69 8.32
C GLY B 76 15.50 25.84 8.09
N LYS B 77 16.35 24.98 8.73
CA LYS B 77 17.79 25.07 8.49
C LYS B 77 18.16 24.23 7.27
N PRO B 78 19.23 24.61 6.56
CA PRO B 78 19.59 23.89 5.34
C PRO B 78 19.76 22.40 5.56
N ARG B 79 19.34 21.62 4.57
CA ARG B 79 19.57 20.18 4.52
C ARG B 79 20.31 19.84 3.24
N ALA B 80 20.83 18.61 3.17
CA ALA B 80 21.73 18.24 2.08
C ALA B 80 21.02 18.15 0.74
N MET B 81 19.71 17.93 0.73
CA MET B 81 18.94 17.86 -0.52
C MET B 81 17.69 18.70 -0.38
N LYS B 82 17.34 19.40 -1.46
CA LYS B 82 16.16 20.27 -1.43
C LYS B 82 14.89 19.48 -1.12
N GLN B 83 14.83 18.22 -1.56
CA GLN B 83 13.63 17.42 -1.34
C GLN B 83 13.43 17.05 0.12
N TRP B 84 14.41 17.29 0.99
CA TRP B 84 14.26 17.06 2.42
C TRP B 84 13.76 18.28 3.17
N GLU B 85 13.70 19.44 2.51
CA GLU B 85 13.39 20.71 3.18
C GLU B 85 11.87 20.93 3.13
N ARG B 86 11.17 20.22 4.01
CA ARG B 86 9.72 20.28 4.10
C ARG B 86 9.29 19.36 5.24
N ASP B 87 8.08 19.60 5.74
CA ASP B 87 7.49 18.66 6.68
C ASP B 87 7.20 17.34 5.98
N LEU B 88 7.35 16.24 6.73
CA LEU B 88 7.24 14.91 6.16
C LEU B 88 6.51 13.97 7.12
N THR B 89 5.66 13.12 6.56
CA THR B 89 5.17 11.98 7.30
C THR B 89 6.21 10.87 7.28
N LEU B 90 5.93 9.79 8.02
CA LEU B 90 6.85 8.65 8.02
C LEU B 90 7.05 8.13 6.59
N ARG B 91 5.97 7.98 5.84
N ARG B 91 5.96 8.00 5.84
CA ARG B 91 6.10 7.50 4.46
CA ARG B 91 6.07 7.51 4.46
C ARG B 91 6.86 8.49 3.61
C ARG B 91 6.84 8.49 3.59
N GLY B 92 6.59 9.79 3.77
CA GLY B 92 7.29 10.78 2.97
C GLY B 92 8.78 10.80 3.22
N ALA B 93 9.19 10.62 4.49
CA ALA B 93 10.61 10.57 4.81
C ALA B 93 11.26 9.31 4.24
N ILE B 94 10.56 8.17 4.33
CA ILE B 94 11.08 6.94 3.72
C ILE B 94 11.19 7.11 2.21
N GLN B 95 10.19 7.75 1.59
CA GLN B 95 10.15 7.80 0.13
C GLN B 95 11.29 8.64 -0.44
N VAL B 96 11.64 9.75 0.23
CA VAL B 96 12.73 10.60 -0.22
C VAL B 96 14.04 10.30 0.49
N SER B 97 14.06 9.27 1.34
CA SER B 97 15.25 8.90 2.10
C SER B 97 15.81 10.12 2.84
N ALA B 98 14.98 10.68 3.72
CA ALA B 98 15.32 11.89 4.46
C ALA B 98 16.25 11.51 5.61
N VAL B 99 17.56 11.58 5.34
CA VAL B 99 18.56 11.20 6.35
C VAL B 99 18.36 11.93 7.66
N PRO B 100 18.29 13.27 7.72
CA PRO B 100 18.24 13.94 9.03
C PRO B 100 17.04 13.53 9.86
N VAL B 101 15.92 13.19 9.23
CA VAL B 101 14.75 12.73 9.98
C VAL B 101 15.11 11.46 10.74
N PHE B 102 15.72 10.50 10.05
CA PHE B 102 16.05 9.22 10.68
C PHE B 102 17.32 9.29 11.54
N GLN B 103 18.17 10.30 11.32
CA GLN B 103 19.28 10.53 12.24
C GLN B 103 18.76 10.97 13.60
N GLN B 104 17.75 11.86 13.61
CA GLN B 104 17.15 12.26 14.88
C GLN B 104 16.50 11.07 15.57
N ILE B 105 15.80 10.22 14.82
CA ILE B 105 15.17 9.04 15.39
C ILE B 105 16.22 8.14 16.04
N ALA B 106 17.33 7.91 15.33
CA ALA B 106 18.38 7.05 15.87
C ALA B 106 18.93 7.60 17.19
N ARG B 107 19.20 8.92 17.23
CA ARG B 107 19.71 9.53 18.46
C ARG B 107 18.76 9.28 19.62
N GLU B 108 17.45 9.45 19.41
CA GLU B 108 16.50 9.25 20.48
C GLU B 108 16.36 7.78 20.86
N VAL B 109 16.48 6.87 19.89
CA VAL B 109 16.48 5.45 20.21
C VAL B 109 17.63 5.13 21.15
N GLY B 110 18.82 5.62 20.85
CA GLY B 110 19.98 5.40 21.67
C GLY B 110 20.73 4.13 21.30
N GLU B 111 22.00 4.08 21.70
CA GLU B 111 22.85 2.97 21.32
C GLU B 111 22.36 1.65 21.90
N VAL B 112 21.99 1.65 23.18
CA VAL B 112 21.61 0.41 23.85
C VAL B 112 20.39 -0.21 23.18
N ARG B 113 19.33 0.58 22.98
CA ARG B 113 18.11 0.03 22.39
C ARG B 113 18.33 -0.35 20.94
N MET B 114 19.09 0.45 20.19
CA MET B 114 19.40 0.10 18.81
C MET B 114 20.13 -1.24 18.73
N GLN B 115 21.14 -1.43 19.59
CA GLN B 115 21.87 -2.68 19.61
C GLN B 115 20.94 -3.86 19.89
N LYS B 116 20.04 -3.70 20.87
CA LYS B 116 19.11 -4.77 21.21
C LYS B 116 18.28 -5.19 20.01
N TYR B 117 17.73 -4.23 19.27
CA TYR B 117 16.78 -4.56 18.22
C TYR B 117 17.47 -5.16 17.00
N LEU B 118 18.73 -4.80 16.73
CA LEU B 118 19.43 -5.40 15.61
C LEU B 118 19.83 -6.85 15.94
N LYS B 119 20.07 -7.16 17.21
CA LYS B 119 20.24 -8.55 17.60
C LYS B 119 18.91 -9.31 17.45
N LYS B 120 17.82 -8.72 17.93
CA LYS B 120 16.52 -9.34 17.76
C LYS B 120 16.19 -9.55 16.28
N PHE B 121 16.55 -8.59 15.43
CA PHE B 121 16.26 -8.66 14.00
C PHE B 121 17.26 -9.50 13.23
N SER B 122 18.40 -9.86 13.84
CA SER B 122 19.49 -10.53 13.12
C SER B 122 19.90 -9.72 11.89
N TYR B 123 20.18 -8.45 12.11
CA TYR B 123 20.41 -7.50 11.01
C TYR B 123 21.91 -7.36 10.77
N GLY B 124 22.41 -8.10 9.77
CA GLY B 124 23.78 -7.98 9.34
C GLY B 124 24.76 -8.33 10.44
N ASN B 125 25.91 -7.67 10.40
CA ASN B 125 26.94 -7.89 11.42
C ASN B 125 26.62 -7.21 12.74
N GLN B 126 25.50 -6.47 12.81
CA GLN B 126 25.02 -5.88 14.06
C GLN B 126 26.06 -4.95 14.70
N ASN B 127 26.95 -4.39 13.89
CA ASN B 127 28.00 -3.51 14.37
C ASN B 127 27.55 -2.06 14.12
N ILE B 128 27.17 -1.37 15.20
CA ILE B 128 26.68 0.00 15.06
C ILE B 128 27.72 0.98 15.58
N SER B 129 29.00 0.60 15.50
CA SER B 129 30.07 1.52 15.84
CA SER B 129 30.06 1.53 15.84
C SER B 129 30.22 2.59 14.76
N GLY B 130 30.78 3.74 15.16
CA GLY B 130 31.00 4.84 14.25
C GLY B 130 30.09 6.04 14.44
N GLY B 131 29.24 6.04 15.47
CA GLY B 131 28.31 7.15 15.69
C GLY B 131 26.87 6.67 15.55
N ILE B 132 26.06 7.02 16.54
CA ILE B 132 24.68 6.52 16.59
C ILE B 132 23.87 7.00 15.40
N ASP B 133 24.23 8.14 14.81
CA ASP B 133 23.47 8.72 13.72
C ASP B 133 24.19 8.61 12.38
N LYS B 134 25.17 7.72 12.26
CA LYS B 134 25.88 7.55 11.00
C LYS B 134 26.37 6.13 10.75
N PHE B 135 26.10 5.17 11.64
CA PHE B 135 26.69 3.85 11.49
C PHE B 135 26.19 3.14 10.23
N TRP B 136 24.98 3.45 9.77
CA TRP B 136 24.46 2.80 8.57
C TRP B 136 24.85 3.54 7.29
N LEU B 137 25.40 4.74 7.39
CA LEU B 137 25.84 5.51 6.24
C LEU B 137 27.35 5.46 6.04
N GLU B 138 28.14 5.58 7.11
CA GLU B 138 29.58 5.60 7.01
C GLU B 138 30.26 4.78 8.09
N GLY B 139 29.52 3.98 8.84
CA GLY B 139 30.08 3.21 9.94
C GLY B 139 30.47 1.80 9.54
N GLN B 140 30.38 0.89 10.50
CA GLN B 140 30.82 -0.48 10.31
C GLN B 140 29.67 -1.45 10.08
N LEU B 141 28.43 -0.97 10.10
CA LEU B 141 27.29 -1.86 9.88
C LEU B 141 27.30 -2.37 8.45
N ARG B 142 27.20 -3.70 8.30
CA ARG B 142 27.23 -4.35 7.01
C ARG B 142 26.14 -5.41 6.96
N ILE B 143 25.54 -5.59 5.77
CA ILE B 143 24.51 -6.59 5.58
C ILE B 143 24.56 -7.09 4.14
N SER B 144 24.24 -8.37 3.96
CA SER B 144 24.28 -9.02 2.66
C SER B 144 22.89 -9.04 2.03
N ALA B 145 22.85 -9.32 0.74
CA ALA B 145 21.58 -9.43 0.03
C ALA B 145 20.75 -10.59 0.58
N VAL B 146 21.41 -11.72 0.90
CA VAL B 146 20.70 -12.86 1.47
C VAL B 146 20.10 -12.49 2.81
N ASN B 147 20.85 -11.78 3.66
CA ASN B 147 20.32 -11.31 4.93
C ASN B 147 19.13 -10.38 4.72
N GLN B 148 19.19 -9.53 3.69
CA GLN B 148 18.10 -8.59 3.45
C GLN B 148 16.79 -9.33 3.17
N VAL B 149 16.84 -10.33 2.28
CA VAL B 149 15.63 -11.08 1.94
CA VAL B 149 15.61 -11.05 1.95
C VAL B 149 15.10 -11.84 3.15
N GLU B 150 16.01 -12.37 3.97
CA GLU B 150 15.58 -13.04 5.19
C GLU B 150 14.88 -12.07 6.13
N PHE B 151 15.46 -10.88 6.29
CA PHE B 151 14.85 -9.85 7.13
C PHE B 151 13.49 -9.42 6.57
N LEU B 152 13.41 -9.20 5.26
CA LEU B 152 12.15 -8.75 4.67
C LEU B 152 11.07 -9.82 4.73
N GLU B 153 11.46 -11.10 4.66
CA GLU B 153 10.46 -12.16 4.84
C GLU B 153 9.85 -12.10 6.23
N SER B 154 10.68 -11.91 7.26
CA SER B 154 10.16 -11.81 8.62
C SER B 154 9.20 -10.62 8.74
N LEU B 155 9.55 -9.49 8.14
CA LEU B 155 8.66 -8.33 8.17
C LEU B 155 7.33 -8.64 7.50
N TYR B 156 7.38 -9.25 6.31
CA TYR B 156 6.15 -9.58 5.60
C TYR B 156 5.25 -10.47 6.44
N LEU B 157 5.83 -11.44 7.14
CA LEU B 157 5.03 -12.36 7.95
C LEU B 157 4.72 -11.80 9.33
N ASN B 158 5.13 -10.56 9.62
CA ASN B 158 4.94 -9.96 10.94
C ASN B 158 5.63 -10.78 12.03
N LYS B 159 6.74 -11.43 11.67
CA LYS B 159 7.45 -12.30 12.61
C LYS B 159 8.63 -11.60 13.28
N LEU B 160 8.87 -10.32 12.99
CA LEU B 160 9.93 -9.60 13.68
C LEU B 160 9.53 -9.36 15.14
N SER B 161 10.53 -9.09 15.98
CA SER B 161 10.31 -8.85 17.40
C SER B 161 9.72 -7.46 17.61
N ALA B 162 8.52 -7.27 17.07
CA ALA B 162 7.81 -6.01 17.17
C ALA B 162 6.33 -6.30 17.01
N SER B 163 5.50 -5.38 17.49
CA SER B 163 4.06 -5.55 17.38
C SER B 163 3.66 -5.67 15.91
N LYS B 164 2.60 -6.43 15.65
CA LYS B 164 2.09 -6.52 14.30
C LYS B 164 1.65 -5.16 13.78
N GLU B 165 1.06 -4.36 14.66
CA GLU B 165 0.62 -3.01 14.30
C GLU B 165 1.78 -2.20 13.73
N ASN B 166 2.93 -2.23 14.40
CA ASN B 166 4.06 -1.41 13.96
C ASN B 166 4.70 -1.95 12.69
N GLN B 167 4.74 -3.28 12.53
CA GLN B 167 5.23 -3.84 11.27
C GLN B 167 4.29 -3.51 10.12
N LEU B 168 2.97 -3.51 10.39
CA LEU B 168 2.01 -3.12 9.36
C LEU B 168 2.18 -1.66 8.98
N ILE B 169 2.41 -0.79 9.96
CA ILE B 169 2.62 0.63 9.68
C ILE B 169 3.78 0.80 8.71
N VAL B 170 4.89 0.12 8.97
CA VAL B 170 6.07 0.29 8.12
C VAL B 170 5.84 -0.34 6.75
N LYS B 171 5.11 -1.45 6.69
CA LYS B 171 4.83 -2.07 5.40
C LYS B 171 3.99 -1.15 4.53
N GLU B 172 2.96 -0.53 5.10
CA GLU B 172 2.15 0.41 4.34
C GLU B 172 3.01 1.51 3.73
N ALA B 173 4.07 1.93 4.43
CA ALA B 173 4.91 3.01 3.96
C ALA B 173 5.86 2.60 2.85
N LEU B 174 6.06 1.30 2.63
CA LEU B 174 7.03 0.82 1.65
C LEU B 174 6.39 0.50 0.30
N VAL B 175 5.07 0.65 0.16
CA VAL B 175 4.43 0.38 -1.12
C VAL B 175 4.93 1.37 -2.16
N THR B 176 5.46 0.84 -3.26
CA THR B 176 6.04 1.68 -4.30
C THR B 176 5.38 1.53 -5.67
N GLU B 177 4.73 0.40 -5.95
CA GLU B 177 3.97 0.26 -7.19
C GLU B 177 2.72 -0.57 -6.92
N ALA B 178 1.60 -0.11 -7.45
CA ALA B 178 0.32 -0.83 -7.34
C ALA B 178 -0.26 -1.01 -8.72
N ALA B 179 -0.47 -2.25 -9.11
CA ALA B 179 -1.13 -2.62 -10.36
C ALA B 179 -2.26 -3.58 -10.03
N PRO B 180 -3.17 -3.82 -10.98
CA PRO B 180 -4.23 -4.80 -10.70
C PRO B 180 -3.67 -6.19 -10.45
N GLU B 181 -2.58 -6.55 -11.11
CA GLU B 181 -2.04 -7.90 -11.06
C GLU B 181 -1.05 -8.12 -9.93
N TYR B 182 -0.40 -7.07 -9.43
CA TYR B 182 0.63 -7.25 -8.41
C TYR B 182 0.80 -5.97 -7.62
N LEU B 183 1.51 -6.10 -6.49
CA LEU B 183 1.81 -5.01 -5.59
C LEU B 183 3.28 -5.12 -5.19
N VAL B 184 3.99 -3.99 -5.19
CA VAL B 184 5.42 -3.96 -4.91
C VAL B 184 5.66 -3.12 -3.67
N HIS B 185 6.41 -3.68 -2.72
CA HIS B 185 7.01 -2.95 -1.61
C HIS B 185 8.51 -2.92 -1.83
N SER B 186 9.13 -1.75 -1.67
CA SER B 186 10.56 -1.67 -1.92
C SER B 186 11.17 -0.48 -1.19
N LYS B 187 12.50 -0.51 -1.08
CA LYS B 187 13.29 0.59 -0.53
C LYS B 187 14.62 0.65 -1.26
N THR B 188 15.00 1.85 -1.68
CA THR B 188 16.28 2.08 -2.33
C THR B 188 17.34 2.47 -1.31
N GLY B 189 18.60 2.34 -1.71
CA GLY B 189 19.71 2.78 -0.89
C GLY B 189 20.87 3.21 -1.76
N PHE B 190 21.70 4.10 -1.23
CA PHE B 190 22.82 4.65 -1.99
C PHE B 190 23.81 5.23 -0.98
N SER B 191 24.98 4.59 -0.86
CA SER B 191 25.97 5.04 0.11
C SER B 191 26.81 6.21 -0.41
N GLY B 192 26.82 6.44 -1.72
CA GLY B 192 27.62 7.46 -2.34
C GLY B 192 28.45 6.87 -3.46
N VAL B 193 29.37 7.68 -3.98
CA VAL B 193 30.20 7.27 -5.11
C VAL B 193 31.51 6.64 -4.69
N GLY B 194 31.74 6.48 -3.39
CA GLY B 194 32.92 5.79 -2.91
C GLY B 194 34.23 6.48 -3.25
N THR B 195 35.34 5.89 -2.80
CA THR B 195 36.65 6.47 -3.01
C THR B 195 37.30 5.86 -4.26
N GLU B 196 38.50 6.34 -4.58
CA GLU B 196 39.22 5.83 -5.75
C GLU B 196 39.51 4.34 -5.57
N SER B 197 39.07 3.54 -6.54
CA SER B 197 39.21 2.09 -6.52
C SER B 197 38.38 1.42 -5.43
N ASN B 198 37.49 2.17 -4.79
CA ASN B 198 36.65 1.64 -3.71
C ASN B 198 35.25 2.23 -3.88
N PRO B 199 34.49 1.75 -4.86
CA PRO B 199 33.20 2.37 -5.18
C PRO B 199 32.20 2.22 -4.05
N GLY B 200 31.16 3.05 -4.11
CA GLY B 200 30.04 2.93 -3.21
C GLY B 200 29.15 1.77 -3.59
N VAL B 201 28.00 1.69 -2.92
CA VAL B 201 27.04 0.62 -3.12
C VAL B 201 25.66 1.24 -3.32
N ALA B 202 24.89 0.66 -4.23
CA ALA B 202 23.51 1.05 -4.45
C ALA B 202 22.62 -0.18 -4.25
N TRP B 203 21.49 0.02 -3.57
CA TRP B 203 20.58 -1.05 -3.21
C TRP B 203 19.21 -0.87 -3.85
N TRP B 204 18.53 -1.99 -4.06
CA TRP B 204 17.07 -1.99 -4.19
C TRP B 204 16.57 -3.30 -3.61
N VAL B 205 15.76 -3.22 -2.55
CA VAL B 205 15.25 -4.40 -1.87
C VAL B 205 13.74 -4.24 -1.70
N GLY B 206 13.06 -5.38 -1.54
CA GLY B 206 11.62 -5.35 -1.34
C GLY B 206 11.02 -6.71 -1.59
N TRP B 207 9.69 -6.71 -1.81
CA TRP B 207 8.99 -7.93 -2.16
C TRP B 207 7.82 -7.60 -3.08
N VAL B 208 7.42 -8.60 -3.86
CA VAL B 208 6.35 -8.48 -4.84
C VAL B 208 5.25 -9.48 -4.50
N GLU B 209 4.03 -8.99 -4.35
CA GLU B 209 2.86 -9.83 -4.15
C GLU B 209 2.11 -9.94 -5.46
N LYS B 210 2.00 -11.16 -5.99
CA LYS B 210 1.30 -11.40 -7.25
C LYS B 210 0.47 -12.66 -7.11
N GLU B 211 -0.83 -12.53 -7.35
CA GLU B 211 -1.77 -13.65 -7.19
C GLU B 211 -1.62 -14.13 -5.75
N THR B 212 -1.38 -15.41 -5.50
CA THR B 212 -1.21 -15.92 -4.15
C THR B 212 0.25 -16.17 -3.80
N GLU B 213 1.18 -15.62 -4.58
CA GLU B 213 2.61 -15.82 -4.36
C GLU B 213 3.25 -14.54 -3.84
N VAL B 214 4.39 -14.70 -3.18
CA VAL B 214 5.17 -13.58 -2.67
C VAL B 214 6.63 -13.81 -3.05
N TYR B 215 7.25 -12.78 -3.64
CA TYR B 215 8.64 -12.84 -4.09
C TYR B 215 9.45 -11.79 -3.34
N PHE B 216 10.43 -12.23 -2.58
CA PHE B 216 11.35 -11.33 -1.90
C PHE B 216 12.61 -11.15 -2.74
N PHE B 217 13.06 -9.90 -2.85
CA PHE B 217 14.22 -9.62 -3.71
C PHE B 217 15.16 -8.63 -3.02
N ALA B 218 16.43 -8.74 -3.39
CA ALA B 218 17.46 -7.82 -2.92
C ALA B 218 18.49 -7.64 -4.03
N PHE B 219 18.74 -6.40 -4.40
CA PHE B 219 19.72 -6.05 -5.43
C PHE B 219 20.75 -5.10 -4.84
N ASN B 220 22.01 -5.28 -5.22
CA ASN B 220 23.02 -4.26 -4.94
C ASN B 220 24.05 -4.27 -6.05
N MET B 221 24.76 -3.15 -6.17
CA MET B 221 25.74 -2.96 -7.23
C MET B 221 26.82 -2.02 -6.73
N ASP B 222 27.99 -2.12 -7.33
CA ASP B 222 29.01 -1.09 -7.17
C ASP B 222 28.61 0.13 -7.99
N ILE B 223 28.87 1.32 -7.45
CA ILE B 223 28.49 2.55 -8.13
C ILE B 223 29.53 3.61 -7.81
N ASP B 224 30.08 4.22 -8.86
CA ASP B 224 31.05 5.29 -8.73
C ASP B 224 30.57 6.61 -9.34
N ASN B 225 29.39 6.63 -9.94
CA ASN B 225 28.85 7.84 -10.55
C ASN B 225 27.35 7.90 -10.29
N GLU B 226 26.88 9.09 -9.92
CA GLU B 226 25.48 9.25 -9.52
C GLU B 226 24.52 8.89 -10.66
N SER B 227 24.95 9.05 -11.91
CA SER B 227 24.06 8.84 -13.04
C SER B 227 23.70 7.37 -13.25
N LYS B 228 24.46 6.45 -12.68
CA LYS B 228 24.16 5.02 -12.81
C LYS B 228 23.05 4.57 -11.87
N LEU B 229 22.50 5.48 -11.06
CA LEU B 229 21.53 5.09 -10.05
C LEU B 229 20.32 4.36 -10.62
N PRO B 230 19.73 4.78 -11.74
CA PRO B 230 18.54 4.09 -12.25
C PRO B 230 18.76 2.61 -12.51
N LEU B 231 20.00 2.17 -12.73
CA LEU B 231 20.25 0.77 -13.04
C LEU B 231 19.87 -0.14 -11.88
N ARG B 232 19.93 0.37 -10.64
CA ARG B 232 19.57 -0.46 -9.50
C ARG B 232 18.12 -0.89 -9.53
N LYS B 233 17.28 -0.23 -10.32
CA LYS B 233 15.89 -0.62 -10.53
C LYS B 233 15.65 -1.27 -11.88
N SER B 234 16.32 -0.79 -12.94
CA SER B 234 16.04 -1.33 -14.27
C SER B 234 16.53 -2.77 -14.41
N ILE B 235 17.67 -3.10 -13.82
CA ILE B 235 18.23 -4.45 -13.95
C ILE B 235 17.34 -5.44 -13.19
N PRO B 236 17.04 -5.22 -11.91
CA PRO B 236 16.10 -6.14 -11.24
C PRO B 236 14.75 -6.22 -11.94
N THR B 237 14.22 -5.08 -12.35
CA THR B 237 12.93 -5.06 -13.03
C THR B 237 12.96 -5.92 -14.29
N LYS B 238 14.03 -5.79 -15.09
CA LYS B 238 14.14 -6.60 -16.29
C LYS B 238 14.23 -8.07 -15.98
N ILE B 239 14.96 -8.43 -14.91
CA ILE B 239 15.04 -9.83 -14.51
C ILE B 239 13.67 -10.35 -14.09
N MET B 240 12.98 -9.60 -13.23
CA MET B 240 11.67 -10.04 -12.76
C MET B 240 10.64 -10.07 -13.89
N GLU B 241 10.79 -9.19 -14.87
CA GLU B 241 9.93 -9.27 -16.05
C GLU B 241 10.21 -10.52 -16.86
N SER B 242 11.49 -10.91 -16.97
CA SER B 242 11.84 -12.13 -17.68
C SER B 242 11.31 -13.36 -16.97
N GLU B 243 11.12 -13.28 -15.65
CA GLU B 243 10.56 -14.38 -14.88
C GLU B 243 9.04 -14.36 -14.86
N GLY B 244 8.41 -13.42 -15.55
CA GLY B 244 6.97 -13.35 -15.60
C GLY B 244 6.31 -12.75 -14.37
N ILE B 245 7.09 -12.14 -13.49
CA ILE B 245 6.54 -11.54 -12.27
C ILE B 245 6.11 -10.09 -12.51
N ILE B 246 6.82 -9.36 -13.36
CA ILE B 246 6.62 -7.93 -13.54
C ILE B 246 6.40 -7.25 -12.19
CL CL C . -9.46 20.43 -2.87
CL CL D . -17.87 -5.41 -16.27
CL CL E . -29.86 2.48 -5.95
CL CL F . -20.45 -16.28 -8.65
CL CL G . -13.10 1.39 -14.60
B07 KJK H . -19.01 -5.08 -7.54
C10 KJK H . -17.78 -5.10 -9.63
C11 KJK H . -17.20 -4.24 -10.54
C12 KJK H . -16.70 -2.87 -10.04
C15 KJK H . -17.12 -4.62 -11.89
C16 KJK H . -17.59 -5.87 -12.30
C17 KJK H . -18.16 -6.75 -11.37
C18 KJK H . -18.25 -6.37 -10.05
C19 KJK H . -18.88 -7.28 -8.95
C20 KJK H . -19.72 -6.41 -8.05
C22 KJK H . -21.92 -7.02 -9.28
C23 KJK H . -23.13 -6.60 -10.16
C24 KJK H . -22.93 -7.02 -11.62
C25 KJK H . -21.75 -6.21 -12.22
C26 KJK H . -21.52 -6.56 -13.69
C27 KJK H . -22.79 -6.34 -14.54
C29 KJK H . -21.57 -6.16 -16.68
C30 KJK H . -21.28 -6.89 -17.98
C32 KJK H . -24.07 -6.98 -13.93
C33 KJK H . -24.23 -6.80 -12.40
N21 KJK H . -20.90 -6.01 -8.88
N28 KJK H . -22.58 -6.94 -15.87
N31 KJK H . -19.89 -7.33 -18.01
O08 KJK H . -19.92 -4.05 -7.62
O09 KJK H . -17.88 -4.71 -8.22
O13 KJK H . -17.45 -1.86 -10.09
O14 KJK H . -15.55 -2.75 -9.57
O34 KJK H . -21.81 -8.15 -8.94
CL CL I . -2.12 -8.74 -5.33
CL CL J . 21.64 11.84 -5.74
CL CL K . 11.70 -17.66 1.13
CL CL L . 30.32 -0.93 1.61
CL CL M . 31.74 -10.08 3.39
CL CL N . 20.93 17.01 6.22
CL CL O . 16.40 5.12 -9.13
B07 KJK P . 20.05 6.68 1.35
C10 KJK P . 19.34 7.91 -0.61
C11 KJK P . 19.03 7.73 -1.94
C12 KJK P . 18.53 6.34 -2.37
C15 KJK P . 19.19 8.78 -2.85
C16 KJK P . 19.65 10.04 -2.39
C17 KJK P . 19.95 10.23 -1.03
C18 KJK P . 19.78 9.18 -0.15
C19 KJK P . 20.10 9.29 1.37
C20 KJK P . 20.81 8.02 1.77
C22 KJK P . 23.15 9.07 1.49
C23 KJK P . 24.52 9.16 0.75
C24 KJK P . 24.72 10.53 0.09
C25 KJK P . 23.35 11.06 -0.45
C26 KJK P . 23.49 12.31 -1.33
C27 KJK P . 24.58 12.18 -2.40
C29 KJK P . 25.48 13.44 -4.32
C30 KJK P . 26.28 14.71 -4.54
C32 KJK P . 25.92 11.67 -1.84
C33 KJK P . 25.77 10.38 -1.02
N21 KJK P . 22.13 8.08 1.06
N28 KJK P . 24.79 13.52 -2.97
N31 KJK P . 25.47 15.74 -5.15
O08 KJK P . 20.98 5.73 1.03
O09 KJK P . 19.16 6.80 0.32
O13 KJK P . 19.25 5.61 -3.08
O14 KJK P . 17.42 5.93 -1.98
O34 KJK P . 22.91 9.80 2.40
#